data_6ORU
#
_entry.id   6ORU
#
_cell.length_a   92.540
_cell.length_b   92.540
_cell.length_c   128.980
_cell.angle_alpha   90.00
_cell.angle_beta   90.00
_cell.angle_gamma   90.00
#
_symmetry.space_group_name_H-M   'P 42 21 2'
#
loop_
_entity.id
_entity.type
_entity.pdbx_description
1 polymer 'Bifunctional ligase/repressor BirA'
2 non-polymer N-{[4-(6-amino-9H-purin-9-yl)butyl]sulfamoyl}-5-[(3aS,4S,6aR)-2-oxohexahydro-1H-thieno[3,4-d]imidazol-4-yl]pentanamide
3 water water
#
_entity_poly.entity_id   1
_entity_poly.type   'polypeptide(L)'
_entity_poly.pdbx_seq_one_letter_code
;MSKYSQDVLQLLYKNKPNYISGQSIAESLNISRTAVKKVIDQLKLEGCKIDSVNHKGHLLQQLPDIWYQGIIDQYTKSSA
LFDFSEVYDSIDSTQLAAKKSLVGNQSSFFILSDEQTKGRGRFNRHWSSSKGQGLWMSVVLRPNVAFSMISKFNLFIALG
IRDAIQHFSQDEVKVKWPNDIYIDNGKVCGFLTEMVANNDGIEAIICGIGINLTQQLENFDESIRHRATSIQLHDKNKLD
RYQFLERLLQEIEKRYNQFLTLPFSEIREEYIAASNIWNRTLLFTENDKQFKGQAIDLDYDGYLIVRDEAGESHRLISAD
IDFHHHHHH
;
_entity_poly.pdbx_strand_id   A
#
# COMPACT_ATOMS: atom_id res chain seq x y z
N SER A 2 23.39 4.35 -13.09
CA SER A 2 24.61 3.57 -12.94
C SER A 2 24.31 2.21 -12.29
N LYS A 3 25.14 1.22 -12.63
CA LYS A 3 24.94 -0.15 -12.16
C LYS A 3 25.05 -0.26 -10.63
N TYR A 4 25.88 0.58 -10.03
CA TYR A 4 26.16 0.54 -8.60
C TYR A 4 25.44 1.65 -7.87
N SER A 5 24.55 2.36 -8.55
CA SER A 5 23.84 3.46 -7.92
C SER A 5 22.96 2.97 -6.76
N GLN A 6 22.21 1.89 -6.97
CA GLN A 6 21.36 1.37 -5.90
C GLN A 6 22.19 0.86 -4.74
N ASP A 7 23.35 0.24 -5.02
CA ASP A 7 24.20 -0.28 -3.96
C ASP A 7 24.81 0.85 -3.15
N VAL A 8 25.17 1.95 -3.81
CA VAL A 8 25.67 3.10 -3.07
C VAL A 8 24.56 3.64 -2.17
N LEU A 9 23.37 3.82 -2.76
CA LEU A 9 22.20 4.27 -1.98
C LEU A 9 21.94 3.36 -0.79
N GLN A 10 22.02 2.04 -1.01
CA GLN A 10 21.74 1.10 0.08
C GLN A 10 22.76 1.23 1.20
N LEU A 11 24.05 1.38 0.86
CA LEU A 11 25.07 1.62 1.88
C LEU A 11 24.82 2.94 2.63
N LEU A 12 24.41 3.99 1.92
CA LEU A 12 24.13 5.25 2.60
C LEU A 12 22.96 5.07 3.55
N TYR A 13 21.90 4.39 3.10
CA TYR A 13 20.73 4.17 3.96
C TYR A 13 21.10 3.34 5.17
N LYS A 14 21.82 2.24 4.95
CA LYS A 14 22.10 1.31 6.03
C LYS A 14 22.99 1.95 7.09
N ASN A 15 23.77 2.98 6.73
CA ASN A 15 24.69 3.58 7.70
C ASN A 15 24.13 4.79 8.43
N LYS A 16 22.94 5.27 8.06
CA LYS A 16 22.31 6.32 8.83
C LYS A 16 22.27 5.93 10.30
N PRO A 17 22.50 6.88 11.24
CA PRO A 17 22.76 8.30 10.96
C PRO A 17 24.23 8.66 10.85
N ASN A 18 25.13 7.73 10.58
CA ASN A 18 26.54 8.04 10.49
C ASN A 18 26.96 8.32 9.05
N TYR A 19 27.96 9.19 8.91
CA TYR A 19 28.65 9.39 7.64
C TYR A 19 29.50 8.16 7.27
N ILE A 20 29.63 7.90 5.97
CA ILE A 20 30.57 6.90 5.47
C ILE A 20 31.45 7.55 4.42
N SER A 21 32.75 7.25 4.49
CA SER A 21 33.69 7.80 3.53
C SER A 21 33.43 7.23 2.15
N GLY A 22 33.80 7.99 1.13
CA GLY A 22 33.76 7.46 -0.21
C GLY A 22 34.68 6.27 -0.38
N GLN A 23 35.82 6.27 0.35
CA GLN A 23 36.72 5.14 0.29
C GLN A 23 36.06 3.88 0.83
N SER A 24 35.28 4.02 1.88
CA SER A 24 34.62 2.86 2.45
C SER A 24 33.60 2.28 1.48
N ILE A 25 32.78 3.14 0.87
CA ILE A 25 31.86 2.70 -0.17
C ILE A 25 32.61 1.96 -1.28
N ALA A 26 33.79 2.46 -1.67
CA ALA A 26 34.54 1.86 -2.77
C ALA A 26 35.04 0.46 -2.44
N GLU A 27 35.61 0.28 -1.23
CA GLU A 27 36.06 -1.06 -0.83
C GLU A 27 34.89 -2.02 -0.67
N SER A 28 33.70 -1.53 -0.33
CA SER A 28 32.57 -2.43 -0.19
C SER A 28 32.09 -2.91 -1.55
N LEU A 29 32.10 -2.04 -2.54
CA LEU A 29 31.56 -2.36 -3.86
C LEU A 29 32.66 -2.74 -4.84
N ASN A 30 33.92 -2.72 -4.40
CA ASN A 30 35.07 -3.02 -5.25
C ASN A 30 35.02 -2.17 -6.52
N ILE A 31 34.94 -0.86 -6.32
CA ILE A 31 35.01 0.12 -7.39
C ILE A 31 35.90 1.25 -6.91
N SER A 32 36.17 2.20 -7.78
CA SER A 32 37.14 3.23 -7.46
C SER A 32 36.49 4.33 -6.65
N ARG A 33 37.34 5.06 -5.91
CA ARG A 33 36.91 6.29 -5.25
C ARG A 33 36.27 7.25 -6.26
N THR A 34 36.80 7.29 -7.48
CA THR A 34 36.27 8.22 -8.47
C THR A 34 34.88 7.78 -8.98
N ALA A 35 34.66 6.47 -9.12
CA ALA A 35 33.32 6.00 -9.49
C ALA A 35 32.30 6.28 -8.39
N VAL A 36 32.72 6.25 -7.12
CA VAL A 36 31.79 6.48 -6.02
C VAL A 36 31.31 7.93 -6.01
N LYS A 37 32.24 8.87 -6.22
CA LYS A 37 31.85 10.27 -6.23
C LYS A 37 30.97 10.59 -7.43
N LYS A 38 31.20 9.92 -8.56
CA LYS A 38 30.34 10.11 -9.72
C LYS A 38 28.94 9.59 -9.46
N VAL A 39 28.82 8.45 -8.76
CA VAL A 39 27.50 7.96 -8.41
C VAL A 39 26.81 8.93 -7.45
N ILE A 40 27.55 9.44 -6.46
CA ILE A 40 26.91 10.32 -5.49
C ILE A 40 26.43 11.61 -6.15
N ASP A 41 27.19 12.14 -7.11
CA ASP A 41 26.71 13.30 -7.87
C ASP A 41 25.41 12.97 -8.61
N GLN A 42 25.35 11.81 -9.26
CA GLN A 42 24.13 11.43 -9.97
C GLN A 42 22.95 11.36 -9.03
N LEU A 43 23.14 10.75 -7.85
CA LEU A 43 22.07 10.65 -6.86
C LEU A 43 21.61 12.02 -6.39
N LYS A 44 22.57 12.92 -6.20
CA LYS A 44 22.20 14.28 -5.86
C LYS A 44 21.42 14.93 -6.99
N LEU A 45 21.82 14.65 -8.24
CA LEU A 45 21.08 15.18 -9.37
C LEU A 45 19.63 14.69 -9.37
N GLU A 46 19.42 13.41 -9.06
CA GLU A 46 18.07 12.86 -8.99
C GLU A 46 17.29 13.33 -7.77
N GLY A 47 17.84 14.22 -6.94
CA GLY A 47 17.11 14.77 -5.83
C GLY A 47 17.37 14.12 -4.48
N CYS A 48 18.41 13.31 -4.35
CA CYS A 48 18.80 12.81 -3.04
C CYS A 48 19.55 13.90 -2.29
N LYS A 49 19.10 14.20 -1.06
CA LYS A 49 19.83 15.14 -0.22
C LYS A 49 20.89 14.34 0.53
N ILE A 50 22.15 14.50 0.11
CA ILE A 50 23.29 13.80 0.69
C ILE A 50 24.28 14.86 1.16
N ASP A 51 24.47 14.95 2.47
CA ASP A 51 25.47 15.85 3.04
C ASP A 51 26.86 15.26 2.86
N SER A 52 27.79 16.06 2.34
CA SER A 52 29.16 15.62 2.15
C SER A 52 30.11 16.58 2.85
N VAL A 53 30.90 16.08 3.80
CA VAL A 53 31.86 16.93 4.49
C VAL A 53 33.25 16.33 4.33
N ASN A 54 34.25 17.20 4.45
CA ASN A 54 35.52 16.98 3.76
C ASN A 54 36.25 15.72 4.23
N HIS A 55 36.29 15.48 5.54
CA HIS A 55 37.03 14.32 6.00
C HIS A 55 36.14 13.20 6.52
N LYS A 56 34.84 13.36 6.47
CA LYS A 56 33.93 12.41 7.08
C LYS A 56 33.28 11.50 6.05
N GLY A 57 32.88 12.05 4.90
CA GLY A 57 32.18 11.31 3.88
C GLY A 57 30.77 11.85 3.67
N HIS A 58 29.79 10.94 3.60
CA HIS A 58 28.47 11.23 3.08
C HIS A 58 27.39 10.71 4.04
N LEU A 59 26.27 11.44 4.07
CA LEU A 59 25.13 11.10 4.93
C LEU A 59 23.87 11.31 4.11
N LEU A 60 23.09 10.25 3.91
CA LEU A 60 21.82 10.41 3.23
C LEU A 60 20.86 11.14 4.15
N GLN A 61 20.43 12.34 3.73
CA GLN A 61 19.53 13.14 4.55
C GLN A 61 18.06 12.97 4.19
N GLN A 62 17.75 12.77 2.91
CA GLN A 62 16.36 12.71 2.52
C GLN A 62 16.23 12.16 1.09
N LEU A 63 15.25 11.31 0.89
CA LEU A 63 15.09 10.79 -0.46
C LEU A 63 14.08 11.63 -1.24
N PRO A 64 14.18 11.66 -2.56
CA PRO A 64 13.16 12.31 -3.38
C PRO A 64 11.92 11.42 -3.47
N ASP A 65 10.91 11.89 -4.21
CA ASP A 65 9.66 11.14 -4.31
C ASP A 65 9.72 10.14 -5.48
N ILE A 66 10.63 9.19 -5.32
CA ILE A 66 10.95 8.18 -6.32
C ILE A 66 11.29 6.92 -5.55
N TRP A 67 10.77 5.78 -6.01
CA TRP A 67 11.10 4.52 -5.35
C TRP A 67 12.45 4.02 -5.87
N TYR A 68 13.28 3.51 -4.96
CA TYR A 68 14.64 3.07 -5.25
C TYR A 68 14.81 1.62 -4.79
N GLN A 69 15.14 0.73 -5.73
CA GLN A 69 15.28 -0.70 -5.39
C GLN A 69 16.21 -0.90 -4.21
N GLY A 70 17.38 -0.25 -4.24
CA GLY A 70 18.35 -0.45 -3.17
C GLY A 70 17.85 -0.13 -1.78
N ILE A 71 16.95 0.85 -1.66
CA ILE A 71 16.32 1.17 -0.38
C ILE A 71 15.30 0.09 -0.03
N ILE A 72 14.38 -0.21 -0.95
CA ILE A 72 13.36 -1.22 -0.68
C ILE A 72 14.01 -2.56 -0.35
N ASP A 73 15.12 -2.90 -1.03
CA ASP A 73 15.86 -4.11 -0.70
C ASP A 73 16.18 -4.18 0.79
N GLN A 74 16.55 -3.04 1.38
CA GLN A 74 16.83 -3.01 2.81
C GLN A 74 15.58 -3.36 3.61
N TYR A 75 14.40 -2.97 3.12
CA TYR A 75 13.15 -3.28 3.81
C TYR A 75 12.84 -4.78 3.79
N THR A 76 13.06 -5.44 2.65
CA THR A 76 12.74 -6.86 2.56
C THR A 76 13.76 -7.74 3.29
N LYS A 77 15.03 -7.33 3.33
CA LYS A 77 16.04 -8.06 4.10
C LYS A 77 15.69 -8.11 5.58
N SER A 78 15.05 -7.06 6.09
CA SER A 78 14.71 -7.02 7.49
C SER A 78 13.28 -7.45 7.76
N SER A 79 12.57 -7.92 6.74
CA SER A 79 11.20 -8.41 6.89
C SER A 79 11.20 -9.94 6.91
N ALA A 80 10.59 -10.51 7.96
CA ALA A 80 10.41 -11.95 7.99
C ALA A 80 9.45 -12.41 6.91
N LEU A 81 8.53 -11.54 6.51
CA LEU A 81 7.45 -11.96 5.63
C LEU A 81 7.83 -11.83 4.15
N PHE A 82 8.36 -10.68 3.75
CA PHE A 82 8.55 -10.37 2.34
C PHE A 82 9.91 -10.88 1.88
N ASP A 83 9.88 -11.88 1.00
CA ASP A 83 11.13 -12.44 0.49
C ASP A 83 11.86 -11.43 -0.41
N PHE A 84 11.15 -10.68 -1.25
CA PHE A 84 11.80 -9.73 -2.15
C PHE A 84 10.77 -8.71 -2.65
N SER A 85 11.24 -7.78 -3.47
CA SER A 85 10.37 -6.78 -4.08
C SER A 85 10.90 -6.41 -5.45
N GLU A 86 10.00 -5.99 -6.33
CA GLU A 86 10.35 -5.42 -7.64
C GLU A 86 9.87 -3.98 -7.67
N VAL A 87 10.79 -3.05 -7.94
CA VAL A 87 10.53 -1.62 -7.93
C VAL A 87 10.65 -1.13 -9.36
N TYR A 88 9.55 -0.63 -9.92
CA TYR A 88 9.48 -0.13 -11.28
C TYR A 88 9.22 1.36 -11.30
N ASP A 89 9.77 2.01 -12.34
CA ASP A 89 9.46 3.41 -12.57
C ASP A 89 8.11 3.59 -13.26
N SER A 90 7.73 2.67 -14.12
CA SER A 90 6.48 2.72 -14.87
C SER A 90 6.13 1.30 -15.31
N ILE A 91 4.84 1.01 -15.34
CA ILE A 91 4.37 -0.36 -15.54
C ILE A 91 2.93 -0.25 -16.01
N ASP A 92 2.44 -1.28 -16.71
CA ASP A 92 1.00 -1.30 -16.97
C ASP A 92 0.22 -1.39 -15.66
N SER A 93 0.62 -2.29 -14.78
CA SER A 93 -0.09 -2.48 -13.52
C SER A 93 0.71 -3.40 -12.62
N THR A 94 0.99 -2.96 -11.39
CA THR A 94 1.66 -3.83 -10.44
C THR A 94 0.86 -5.11 -10.18
N GLN A 95 -0.47 -5.05 -10.31
CA GLN A 95 -1.28 -6.26 -10.14
C GLN A 95 -1.03 -7.26 -11.27
N LEU A 96 -0.96 -6.76 -12.51
CA LEU A 96 -0.65 -7.64 -13.63
C LEU A 96 0.73 -8.27 -13.45
N ALA A 97 1.67 -7.50 -12.92
CA ALA A 97 3.03 -8.00 -12.77
C ALA A 97 3.11 -9.00 -11.62
N ALA A 98 2.39 -8.75 -10.51
CA ALA A 98 2.36 -9.73 -9.43
C ALA A 98 1.79 -11.07 -9.89
N LYS A 99 0.71 -11.04 -10.67
CA LYS A 99 0.09 -12.29 -11.10
C LYS A 99 1.01 -13.07 -12.03
N LYS A 100 1.83 -12.39 -12.82
CA LYS A 100 2.81 -13.13 -13.60
C LYS A 100 3.95 -13.62 -12.71
N SER A 101 4.45 -12.76 -11.81
CA SER A 101 5.63 -13.12 -11.01
C SER A 101 5.37 -14.22 -10.00
N LEU A 102 4.12 -14.42 -9.59
CA LEU A 102 3.90 -15.42 -8.55
C LEU A 102 3.90 -16.84 -9.11
N VAL A 103 3.72 -17.00 -10.42
CA VAL A 103 3.54 -18.34 -10.98
C VAL A 103 4.83 -19.15 -10.81
N GLY A 104 4.68 -20.40 -10.39
CA GLY A 104 5.80 -21.32 -10.38
C GLY A 104 6.71 -21.21 -9.17
N ASN A 105 6.37 -20.35 -8.21
CA ASN A 105 7.14 -20.22 -6.98
C ASN A 105 6.15 -19.99 -5.85
N GLN A 106 6.66 -20.04 -4.62
CA GLN A 106 5.88 -19.86 -3.40
C GLN A 106 6.40 -18.68 -2.60
N SER A 107 6.98 -17.70 -3.28
CA SER A 107 7.57 -16.57 -2.60
C SER A 107 6.48 -15.59 -2.16
N SER A 108 6.72 -14.92 -1.04
CA SER A 108 5.94 -13.76 -0.64
C SER A 108 6.75 -12.52 -0.98
N PHE A 109 6.11 -11.56 -1.64
CA PHE A 109 6.83 -10.41 -2.18
C PHE A 109 5.83 -9.33 -2.52
N PHE A 110 6.32 -8.13 -2.81
CA PHE A 110 5.46 -7.08 -3.32
C PHE A 110 6.12 -6.38 -4.51
N ILE A 111 5.29 -5.68 -5.27
CA ILE A 111 5.73 -4.98 -6.47
C ILE A 111 5.28 -3.53 -6.38
N LEU A 112 6.22 -2.60 -6.53
CA LEU A 112 6.00 -1.18 -6.47
C LEU A 112 6.31 -0.53 -7.81
N SER A 113 5.48 0.44 -8.20
CA SER A 113 5.74 1.24 -9.38
C SER A 113 5.37 2.69 -9.12
N ASP A 114 6.25 3.60 -9.57
CA ASP A 114 5.99 5.03 -9.42
C ASP A 114 4.79 5.46 -10.25
N GLU A 115 4.50 4.76 -11.34
CA GLU A 115 3.34 5.08 -12.14
C GLU A 115 2.77 3.81 -12.77
N GLN A 116 1.47 3.85 -13.03
CA GLN A 116 0.79 2.78 -13.75
C GLN A 116 0.10 3.37 -14.96
N THR A 117 0.22 2.71 -16.11
CA THR A 117 -0.48 3.19 -17.29
C THR A 117 -1.82 2.50 -17.49
N LYS A 118 -2.11 1.46 -16.73
CA LYS A 118 -3.35 0.72 -16.89
C LYS A 118 -3.78 0.21 -15.51
N GLY A 119 -3.74 1.09 -14.53
CA GLY A 119 -4.22 0.71 -13.21
C GLY A 119 -5.70 0.38 -13.25
N ARG A 120 -6.07 -0.66 -12.53
CA ARG A 120 -7.44 -1.15 -12.51
C ARG A 120 -7.86 -1.39 -11.08
N GLY A 121 -9.06 -0.93 -10.74
CA GLY A 121 -9.72 -1.26 -9.50
C GLY A 121 -10.67 -2.43 -9.62
N ARG A 122 -11.64 -2.46 -8.70
CA ARG A 122 -12.64 -3.52 -8.73
C ARG A 122 -13.49 -3.39 -9.98
N PHE A 123 -13.92 -4.54 -10.51
CA PHE A 123 -14.75 -4.59 -11.70
C PHE A 123 -14.07 -3.90 -12.88
N ASN A 124 -12.74 -3.90 -12.88
CA ASN A 124 -11.94 -3.31 -13.94
C ASN A 124 -12.24 -1.83 -14.15
N ARG A 125 -12.64 -1.15 -13.09
CA ARG A 125 -12.76 0.30 -13.16
C ARG A 125 -11.38 0.93 -13.22
N HIS A 126 -11.26 1.97 -14.04
CA HIS A 126 -9.99 2.65 -14.21
C HIS A 126 -9.49 3.18 -12.87
N TRP A 127 -8.19 3.06 -12.61
CA TRP A 127 -7.57 3.62 -11.42
C TRP A 127 -6.45 4.58 -11.84
N SER A 128 -6.56 5.84 -11.39
CA SER A 128 -5.58 6.88 -11.70
C SER A 128 -4.34 6.71 -10.83
N SER A 129 -3.19 6.53 -11.47
CA SER A 129 -1.94 6.27 -10.77
C SER A 129 -0.92 7.34 -11.15
N SER A 130 -1.11 8.54 -10.60
CA SER A 130 -0.26 9.69 -10.98
C SER A 130 1.19 9.46 -10.57
N LYS A 131 2.10 9.63 -11.52
CA LYS A 131 3.52 9.41 -11.26
C LYS A 131 4.02 10.33 -10.15
N GLY A 132 4.74 9.76 -9.19
CA GLY A 132 5.33 10.51 -8.11
C GLY A 132 4.37 10.98 -7.03
N GLN A 133 3.10 10.61 -7.08
CA GLN A 133 2.12 11.16 -6.17
C GLN A 133 1.39 10.14 -5.32
N GLY A 134 1.61 8.84 -5.55
CA GLY A 134 0.93 7.82 -4.77
C GLY A 134 1.70 6.51 -4.71
N LEU A 135 1.24 5.65 -3.82
CA LEU A 135 1.82 4.33 -3.62
C LEU A 135 0.94 3.32 -4.35
N TRP A 136 1.48 2.77 -5.44
CA TRP A 136 0.84 1.77 -6.27
C TRP A 136 1.60 0.46 -6.09
N MET A 137 0.97 -0.50 -5.43
CA MET A 137 1.69 -1.67 -4.99
C MET A 137 0.76 -2.89 -4.97
N SER A 138 1.33 -4.05 -5.25
CA SER A 138 0.63 -5.32 -5.16
C SER A 138 1.43 -6.26 -4.28
N VAL A 139 0.74 -6.92 -3.36
CA VAL A 139 1.36 -7.77 -2.35
C VAL A 139 0.91 -9.20 -2.57
N VAL A 140 1.88 -10.09 -2.78
CA VAL A 140 1.61 -11.50 -2.97
C VAL A 140 1.94 -12.23 -1.67
N LEU A 141 0.95 -12.91 -1.10
CA LEU A 141 1.15 -13.68 0.12
C LEU A 141 0.65 -15.10 -0.08
N ARG A 142 1.00 -15.99 0.86
CA ARG A 142 0.74 -17.42 0.73
C ARG A 142 -0.03 -17.96 1.92
N PRO A 143 -1.23 -17.45 2.19
CA PRO A 143 -1.98 -17.93 3.36
C PRO A 143 -2.43 -19.37 3.15
N ASN A 144 -2.05 -20.25 4.06
CA ASN A 144 -2.52 -21.63 4.04
C ASN A 144 -3.84 -21.75 4.81
N VAL A 145 -4.92 -21.26 4.19
CA VAL A 145 -6.17 -21.13 4.91
C VAL A 145 -7.34 -21.63 4.07
N ALA A 146 -8.48 -21.86 4.74
CA ALA A 146 -9.68 -22.31 4.06
C ALA A 146 -10.49 -21.12 3.50
N PHE A 147 -11.37 -21.41 2.55
CA PHE A 147 -12.16 -20.35 1.92
C PHE A 147 -13.08 -19.66 2.91
N SER A 148 -13.61 -20.41 3.89
CA SER A 148 -14.43 -19.83 4.94
C SER A 148 -13.66 -18.77 5.73
N MET A 149 -12.33 -18.75 5.59
CA MET A 149 -11.50 -17.81 6.31
C MET A 149 -10.90 -16.71 5.44
N ILE A 150 -10.78 -16.93 4.13
CA ILE A 150 -10.02 -16.03 3.26
C ILE A 150 -10.63 -14.61 3.19
N SER A 151 -11.97 -14.50 3.18
CA SER A 151 -12.61 -13.18 3.10
C SER A 151 -12.25 -12.28 4.28
N LYS A 152 -11.82 -12.85 5.40
CA LYS A 152 -11.45 -12.03 6.54
C LYS A 152 -10.17 -11.24 6.31
N PHE A 153 -9.33 -11.66 5.34
CA PHE A 153 -8.07 -10.96 5.13
C PHE A 153 -8.31 -9.48 4.86
N ASN A 154 -9.31 -9.17 4.02
CA ASN A 154 -9.63 -7.78 3.71
C ASN A 154 -9.98 -6.99 4.96
N LEU A 155 -10.71 -7.60 5.89
CA LEU A 155 -11.08 -6.89 7.12
C LEU A 155 -9.85 -6.54 7.95
N PHE A 156 -8.93 -7.49 8.11
CA PHE A 156 -7.69 -7.23 8.85
C PHE A 156 -6.80 -6.23 8.11
N ILE A 157 -6.61 -6.43 6.81
CA ILE A 157 -5.68 -5.56 6.09
C ILE A 157 -6.20 -4.12 6.07
N ALA A 158 -7.52 -3.95 5.92
CA ALA A 158 -8.10 -2.62 6.01
C ALA A 158 -7.65 -1.89 7.27
N LEU A 159 -7.59 -2.60 8.40
CA LEU A 159 -7.21 -1.90 9.62
C LEU A 159 -5.74 -1.53 9.60
N GLY A 160 -4.89 -2.32 8.95
CA GLY A 160 -3.48 -1.97 8.88
C GLY A 160 -3.27 -0.72 8.04
N ILE A 161 -3.87 -0.69 6.86
CA ILE A 161 -3.75 0.48 5.99
C ILE A 161 -4.25 1.72 6.71
N ARG A 162 -5.42 1.62 7.35
CA ARG A 162 -6.00 2.75 8.07
C ARG A 162 -5.05 3.29 9.13
N ASP A 163 -4.44 2.40 9.92
CA ASP A 163 -3.50 2.83 10.95
C ASP A 163 -2.25 3.46 10.34
N ALA A 164 -1.73 2.87 9.26
CA ALA A 164 -0.56 3.45 8.60
C ALA A 164 -0.85 4.89 8.15
N ILE A 165 -1.96 5.09 7.46
CA ILE A 165 -2.36 6.43 7.04
C ILE A 165 -2.61 7.32 8.26
N GLN A 166 -3.33 6.80 9.26
CA GLN A 166 -3.66 7.61 10.43
C GLN A 166 -2.42 8.19 11.09
N HIS A 167 -1.30 7.47 11.02
CA HIS A 167 -0.08 7.96 11.66
C HIS A 167 0.40 9.27 11.07
N PHE A 168 -0.06 9.61 9.86
CA PHE A 168 0.41 10.81 9.16
C PHE A 168 -0.71 11.79 8.89
N SER A 169 -1.95 11.50 9.31
CA SER A 169 -3.09 12.36 9.05
C SER A 169 -3.48 13.07 10.33
N GLN A 170 -3.65 14.39 10.24
CA GLN A 170 -4.24 15.16 11.33
C GLN A 170 -5.75 14.95 11.41
N ASP A 171 -6.37 14.46 10.35
CA ASP A 171 -7.80 14.18 10.36
C ASP A 171 -8.05 12.68 10.49
N GLU A 172 -9.28 12.36 10.89
CA GLU A 172 -9.66 10.98 11.17
C GLU A 172 -9.73 10.16 9.90
N VAL A 173 -9.11 8.99 9.93
CA VAL A 173 -9.07 8.05 8.81
C VAL A 173 -10.05 6.93 9.11
N LYS A 174 -11.03 6.71 8.23
CA LYS A 174 -12.06 5.71 8.44
C LYS A 174 -12.01 4.65 7.35
N VAL A 175 -12.68 3.53 7.61
CA VAL A 175 -12.74 2.40 6.70
C VAL A 175 -14.16 2.31 6.14
N LYS A 176 -14.28 2.28 4.81
CA LYS A 176 -15.54 1.99 4.13
C LYS A 176 -15.50 0.54 3.66
N TRP A 177 -16.25 -0.30 4.34
CA TRP A 177 -16.31 -1.72 4.00
C TRP A 177 -16.73 -1.88 2.54
N PRO A 178 -16.15 -2.82 1.81
CA PRO A 178 -15.09 -3.68 2.35
C PRO A 178 -13.63 -3.34 1.95
N ASN A 179 -13.38 -2.32 1.12
CA ASN A 179 -12.01 -2.14 0.62
C ASN A 179 -11.72 -0.70 0.24
N ASP A 180 -12.19 0.25 1.04
CA ASP A 180 -11.95 1.67 0.83
C ASP A 180 -11.45 2.28 2.14
N ILE A 181 -10.45 3.15 2.03
CA ILE A 181 -9.99 3.97 3.15
C ILE A 181 -10.33 5.42 2.85
N TYR A 182 -10.96 6.09 3.80
CA TYR A 182 -11.43 7.45 3.63
C TYR A 182 -10.80 8.38 4.66
N ILE A 183 -10.58 9.63 4.27
CA ILE A 183 -10.29 10.72 5.19
C ILE A 183 -11.41 11.74 5.02
N ASP A 184 -12.18 11.96 6.07
CA ASP A 184 -13.41 12.74 5.98
C ASP A 184 -14.21 12.22 4.79
N ASN A 185 -14.54 13.07 3.82
CA ASN A 185 -15.34 12.64 2.70
C ASN A 185 -14.53 12.20 1.49
N GLY A 186 -13.23 12.00 1.63
CA GLY A 186 -12.41 11.69 0.46
C GLY A 186 -11.77 10.33 0.50
N LYS A 187 -11.85 9.60 -0.61
CA LYS A 187 -11.20 8.30 -0.74
C LYS A 187 -9.70 8.52 -0.89
N VAL A 188 -8.92 8.07 0.10
CA VAL A 188 -7.48 8.15 0.06
C VAL A 188 -6.85 6.82 -0.36
N CYS A 189 -7.58 5.71 -0.26
CA CYS A 189 -7.02 4.43 -0.64
C CYS A 189 -8.13 3.47 -1.04
N GLY A 190 -7.85 2.67 -2.05
CA GLY A 190 -8.64 1.47 -2.28
C GLY A 190 -7.73 0.31 -2.55
N PHE A 191 -8.20 -0.88 -2.20
CA PHE A 191 -7.40 -2.07 -2.41
C PHE A 191 -8.31 -3.19 -2.93
N LEU A 192 -7.68 -4.19 -3.50
CA LEU A 192 -8.40 -5.24 -4.20
C LEU A 192 -7.62 -6.52 -3.97
N THR A 193 -8.31 -7.56 -3.49
CA THR A 193 -7.64 -8.80 -3.18
C THR A 193 -8.11 -9.88 -4.12
N GLU A 194 -7.18 -10.49 -4.85
CA GLU A 194 -7.51 -11.56 -5.76
C GLU A 194 -6.78 -12.80 -5.28
N MET A 195 -7.24 -13.97 -5.72
CA MET A 195 -6.62 -15.20 -5.29
C MET A 195 -6.52 -16.17 -6.45
N VAL A 196 -5.54 -17.06 -6.33
CA VAL A 196 -5.40 -18.21 -7.22
C VAL A 196 -5.71 -19.42 -6.36
N ALA A 197 -6.73 -20.19 -6.73
CA ALA A 197 -7.20 -21.18 -5.76
C ALA A 197 -7.96 -22.29 -6.46
N ASN A 198 -8.17 -23.38 -5.71
CA ASN A 198 -9.17 -24.39 -6.04
C ASN A 198 -9.73 -24.95 -4.73
N ASN A 199 -10.54 -26.00 -4.85
CA ASN A 199 -11.17 -26.56 -3.66
C ASN A 199 -10.15 -27.21 -2.75
N ASP A 200 -8.95 -27.49 -3.26
CA ASP A 200 -7.88 -28.03 -2.44
C ASP A 200 -7.08 -26.96 -1.70
N GLY A 201 -7.25 -25.68 -2.00
CA GLY A 201 -6.48 -24.69 -1.27
C GLY A 201 -6.15 -23.48 -2.12
N ILE A 202 -5.37 -22.59 -1.53
CA ILE A 202 -5.06 -21.31 -2.12
C ILE A 202 -3.59 -21.31 -2.52
N GLU A 203 -3.32 -21.02 -3.79
CA GLU A 203 -1.93 -20.92 -4.23
C GLU A 203 -1.31 -19.58 -3.85
N ALA A 204 -2.11 -18.52 -3.86
CA ALA A 204 -1.60 -17.19 -3.51
C ALA A 204 -2.78 -16.24 -3.42
N ILE A 205 -2.60 -15.18 -2.64
CA ILE A 205 -3.43 -13.99 -2.77
C ILE A 205 -2.55 -12.84 -3.27
N ILE A 206 -3.19 -11.92 -3.99
CA ILE A 206 -2.55 -10.73 -4.52
C ILE A 206 -3.41 -9.55 -4.13
N CYS A 207 -2.90 -8.71 -3.25
CA CYS A 207 -3.64 -7.58 -2.74
C CYS A 207 -3.08 -6.33 -3.39
N GLY A 208 -3.88 -5.72 -4.28
CA GLY A 208 -3.49 -4.51 -4.96
C GLY A 208 -3.88 -3.28 -4.17
N ILE A 209 -2.89 -2.49 -3.73
CA ILE A 209 -3.11 -1.35 -2.85
C ILE A 209 -2.70 -0.06 -3.55
N GLY A 210 -3.66 0.87 -3.71
CA GLY A 210 -3.40 2.20 -4.22
C GLY A 210 -3.72 3.25 -3.19
N ILE A 211 -2.73 4.07 -2.83
CA ILE A 211 -2.89 5.08 -1.78
C ILE A 211 -2.41 6.42 -2.34
N ASN A 212 -3.28 7.42 -2.29
CA ASN A 212 -2.91 8.75 -2.76
C ASN A 212 -2.04 9.43 -1.70
N LEU A 213 -0.80 9.75 -2.06
CA LEU A 213 0.15 10.31 -1.09
C LEU A 213 0.18 11.84 -1.11
N THR A 214 0.49 12.45 -2.26
CA THR A 214 0.73 13.88 -2.27
C THR A 214 -0.07 14.62 -3.34
N GLN A 215 -1.14 14.04 -3.87
CA GLN A 215 -1.91 14.75 -4.89
C GLN A 215 -2.45 16.06 -4.34
N GLN A 216 -2.20 17.14 -5.07
CA GLN A 216 -3.03 18.32 -4.89
C GLN A 216 -4.39 18.06 -5.53
N LEU A 217 -5.41 18.80 -5.08
CA LEU A 217 -6.75 18.58 -5.63
C LEU A 217 -6.73 18.65 -7.15
N GLU A 218 -6.08 19.68 -7.70
CA GLU A 218 -5.92 19.80 -9.15
C GLU A 218 -5.30 18.56 -9.80
N ASN A 219 -4.63 17.72 -9.03
CA ASN A 219 -4.01 16.53 -9.63
C ASN A 219 -5.00 15.40 -9.87
N PHE A 220 -6.18 15.46 -9.27
CA PHE A 220 -7.21 14.46 -9.52
C PHE A 220 -8.06 14.88 -10.72
N ASP A 221 -8.49 13.90 -11.50
CA ASP A 221 -9.39 14.17 -12.62
C ASP A 221 -10.66 14.83 -12.13
N GLU A 222 -11.23 15.72 -12.94
CA GLU A 222 -12.44 16.43 -12.56
C GLU A 222 -13.55 15.48 -12.11
N SER A 223 -13.52 14.23 -12.55
CA SER A 223 -14.61 13.31 -12.26
C SER A 223 -14.55 12.75 -10.84
N ILE A 224 -13.38 12.71 -10.22
CA ILE A 224 -13.19 12.10 -8.91
C ILE A 224 -12.76 13.10 -7.85
N ARG A 225 -12.69 14.40 -8.17
CA ARG A 225 -12.00 15.35 -7.30
C ARG A 225 -12.71 15.53 -5.97
N HIS A 226 -14.04 15.51 -5.98
CA HIS A 226 -14.83 15.65 -4.76
C HIS A 226 -14.87 14.36 -3.94
N ARG A 227 -14.47 13.23 -4.51
CA ARG A 227 -14.49 11.96 -3.78
C ARG A 227 -13.10 11.36 -3.59
N ALA A 228 -12.05 12.05 -3.99
CA ALA A 228 -10.69 11.57 -3.79
C ALA A 228 -9.91 12.55 -2.95
N THR A 229 -8.97 12.04 -2.15
CA THR A 229 -8.08 12.89 -1.38
C THR A 229 -6.77 12.15 -1.19
N SER A 230 -5.74 12.88 -0.75
CA SER A 230 -4.41 12.33 -0.54
C SER A 230 -3.96 12.59 0.89
N ILE A 231 -2.92 11.88 1.32
CA ILE A 231 -2.45 12.05 2.69
C ILE A 231 -1.92 13.46 2.89
N GLN A 232 -1.24 14.01 1.87
CA GLN A 232 -0.66 15.34 2.03
C GLN A 232 -1.72 16.39 2.30
N LEU A 233 -2.91 16.21 1.72
CA LEU A 233 -4.00 17.16 1.96
C LEU A 233 -4.53 17.11 3.38
N HIS A 234 -3.98 16.24 4.23
CA HIS A 234 -4.41 16.13 5.62
C HIS A 234 -3.21 16.02 6.55
N ASP A 235 -2.08 16.56 6.13
CA ASP A 235 -0.84 16.51 6.90
C ASP A 235 -0.21 17.90 6.89
N LYS A 236 0.05 18.44 8.09
CA LYS A 236 0.72 19.73 8.19
C LYS A 236 2.19 19.64 7.77
N ASN A 237 2.83 18.49 7.91
CA ASN A 237 4.20 18.32 7.49
C ASN A 237 4.27 17.65 6.11
N LYS A 238 5.45 17.74 5.49
CA LYS A 238 5.67 17.14 4.18
C LYS A 238 5.71 15.62 4.33
N LEU A 239 4.73 14.95 3.74
CA LEU A 239 4.68 13.49 3.79
C LEU A 239 5.89 12.89 3.09
N ASP A 240 6.57 11.97 3.79
CA ASP A 240 7.75 11.30 3.26
C ASP A 240 7.37 9.88 2.86
N ARG A 241 7.44 9.60 1.56
CA ARG A 241 6.90 8.33 1.04
C ARG A 241 7.64 7.13 1.60
N TYR A 242 8.92 7.29 1.94
CA TYR A 242 9.65 6.17 2.53
C TYR A 242 9.23 5.93 3.97
N GLN A 243 9.05 7.00 4.75
CA GLN A 243 8.56 6.83 6.12
C GLN A 243 7.20 6.17 6.12
N PHE A 244 6.33 6.58 5.18
CA PHE A 244 5.00 5.99 5.10
C PHE A 244 5.05 4.53 4.67
N LEU A 245 5.87 4.22 3.64
CA LEU A 245 5.97 2.83 3.19
C LEU A 245 6.45 1.93 4.31
N GLU A 246 7.41 2.39 5.12
CA GLU A 246 7.87 1.59 6.25
C GLU A 246 6.72 1.32 7.21
N ARG A 247 6.01 2.36 7.60
CA ARG A 247 4.87 2.18 8.50
C ARG A 247 3.84 1.26 7.88
N LEU A 248 3.60 1.40 6.57
CA LEU A 248 2.58 0.58 5.89
C LEU A 248 2.99 -0.88 5.85
N LEU A 249 4.26 -1.16 5.53
CA LEU A 249 4.70 -2.55 5.55
C LEU A 249 4.62 -3.14 6.96
N GLN A 250 4.95 -2.33 7.98
CA GLN A 250 4.87 -2.82 9.35
C GLN A 250 3.43 -3.17 9.72
N GLU A 251 2.46 -2.32 9.36
CA GLU A 251 1.08 -2.60 9.73
C GLU A 251 0.51 -3.77 8.94
N ILE A 252 0.87 -3.87 7.66
CA ILE A 252 0.42 -5.01 6.85
C ILE A 252 0.92 -6.31 7.47
N GLU A 253 2.20 -6.32 7.87
CA GLU A 253 2.75 -7.53 8.49
C GLU A 253 2.01 -7.85 9.79
N LYS A 254 1.81 -6.85 10.63
CA LYS A 254 1.10 -7.09 11.90
C LYS A 254 -0.31 -7.61 11.66
N ARG A 255 -1.06 -6.98 10.74
CA ARG A 255 -2.45 -7.40 10.55
C ARG A 255 -2.54 -8.74 9.80
N TYR A 256 -1.57 -9.05 8.95
CA TYR A 256 -1.59 -10.34 8.29
C TYR A 256 -1.40 -11.47 9.29
N ASN A 257 -0.47 -11.28 10.24
CA ASN A 257 -0.28 -12.29 11.28
C ASN A 257 -1.48 -12.36 12.22
N GLN A 258 -2.15 -11.22 12.47
CA GLN A 258 -3.41 -11.28 13.19
C GLN A 258 -4.43 -12.11 12.43
N PHE A 259 -4.53 -11.89 11.12
CA PHE A 259 -5.49 -12.63 10.31
C PHE A 259 -5.26 -14.14 10.35
N LEU A 260 -4.00 -14.56 10.49
CA LEU A 260 -3.66 -15.99 10.51
C LEU A 260 -3.83 -16.62 11.88
N THR A 261 -4.03 -15.82 12.93
CA THR A 261 -4.01 -16.33 14.29
C THR A 261 -5.20 -15.93 15.15
N LEU A 262 -6.01 -14.97 14.74
CA LEU A 262 -7.14 -14.49 15.54
C LEU A 262 -8.41 -14.51 14.71
N PRO A 263 -9.53 -14.95 15.27
CA PRO A 263 -10.83 -14.81 14.61
C PRO A 263 -11.18 -13.35 14.44
N PHE A 264 -12.03 -13.08 13.43
CA PHE A 264 -12.45 -11.70 13.22
C PHE A 264 -13.13 -11.10 14.45
N SER A 265 -13.70 -11.92 15.33
CA SER A 265 -14.35 -11.39 16.52
C SER A 265 -13.43 -10.49 17.34
N GLU A 266 -12.11 -10.74 17.28
CA GLU A 266 -11.19 -9.98 18.12
C GLU A 266 -10.89 -8.58 17.58
N ILE A 267 -11.19 -8.30 16.31
CA ILE A 267 -11.08 -6.95 15.78
C ILE A 267 -12.44 -6.39 15.39
N ARG A 268 -13.52 -7.12 15.68
CA ARG A 268 -14.83 -6.68 15.21
C ARG A 268 -15.19 -5.32 15.79
N GLU A 269 -15.09 -5.16 17.10
CA GLU A 269 -15.40 -3.87 17.71
C GLU A 269 -14.50 -2.79 17.13
N GLU A 270 -13.20 -3.07 17.05
CA GLU A 270 -12.26 -2.11 16.47
C GLU A 270 -12.66 -1.73 15.05
N TYR A 271 -13.05 -2.73 14.25
CA TYR A 271 -13.43 -2.46 12.87
C TYR A 271 -14.70 -1.61 12.81
N ILE A 272 -15.72 -1.97 13.60
CA ILE A 272 -16.94 -1.17 13.66
C ILE A 272 -16.61 0.27 14.05
N ALA A 273 -15.77 0.45 15.08
CA ALA A 273 -15.47 1.80 15.56
C ALA A 273 -14.77 2.63 14.50
N ALA A 274 -14.02 1.99 13.60
CA ALA A 274 -13.29 2.68 12.53
C ALA A 274 -14.08 2.83 11.24
N SER A 275 -15.24 2.17 11.13
CA SER A 275 -16.04 2.25 9.91
C SER A 275 -16.80 3.57 9.84
N ASN A 276 -17.14 3.96 8.61
CA ASN A 276 -17.89 5.18 8.33
C ASN A 276 -19.16 4.90 7.53
N ILE A 277 -19.61 3.65 7.49
CA ILE A 277 -20.79 3.31 6.70
C ILE A 277 -22.08 3.34 7.50
N TRP A 278 -22.03 3.57 8.82
CA TRP A 278 -23.22 3.47 9.65
C TRP A 278 -24.09 4.72 9.54
N ASN A 279 -25.31 4.62 10.06
CA ASN A 279 -26.22 5.75 10.21
C ASN A 279 -26.29 6.59 8.94
N ARG A 280 -26.40 5.90 7.81
CA ARG A 280 -26.19 6.51 6.51
C ARG A 280 -26.69 5.58 5.42
N THR A 281 -27.51 6.11 4.51
CA THR A 281 -28.05 5.32 3.42
C THR A 281 -26.98 5.07 2.38
N LEU A 282 -26.98 3.86 1.83
CA LEU A 282 -25.95 3.41 0.90
C LEU A 282 -26.58 2.92 -0.40
N LEU A 283 -25.79 2.98 -1.47
CA LEU A 283 -26.21 2.59 -2.81
C LEU A 283 -25.53 1.29 -3.21
N PHE A 284 -26.31 0.22 -3.32
CA PHE A 284 -25.80 -1.09 -3.68
C PHE A 284 -26.00 -1.35 -5.17
N THR A 285 -24.97 -1.89 -5.81
CA THR A 285 -25.03 -2.28 -7.22
C THR A 285 -24.86 -3.80 -7.31
N GLU A 286 -25.81 -4.47 -7.94
CA GLU A 286 -25.78 -5.93 -8.05
C GLU A 286 -26.15 -6.27 -9.49
N ASN A 287 -25.14 -6.47 -10.33
CA ASN A 287 -25.30 -6.68 -11.77
C ASN A 287 -26.09 -5.51 -12.35
N ASP A 288 -27.27 -5.72 -12.93
CA ASP A 288 -28.04 -4.64 -13.53
C ASP A 288 -28.87 -3.87 -12.51
N LYS A 289 -29.33 -4.57 -11.46
CA LYS A 289 -30.14 -3.92 -10.44
C LYS A 289 -29.26 -3.03 -9.56
N GLN A 290 -29.91 -2.05 -8.92
CA GLN A 290 -29.30 -1.22 -7.89
C GLN A 290 -30.39 -0.84 -6.89
N PHE A 291 -30.08 -0.95 -5.60
CA PHE A 291 -31.03 -0.60 -4.54
C PHE A 291 -30.31 0.19 -3.47
N LYS A 292 -31.10 0.81 -2.59
CA LYS A 292 -30.58 1.54 -1.44
C LYS A 292 -30.72 0.69 -0.18
N GLY A 293 -29.93 1.04 0.84
CA GLY A 293 -29.99 0.31 2.09
C GLY A 293 -29.17 0.96 3.19
N GLN A 294 -29.34 0.43 4.40
CA GLN A 294 -28.61 0.89 5.58
C GLN A 294 -27.79 -0.26 6.16
N ALA A 295 -26.60 0.06 6.67
CA ALA A 295 -25.73 -0.94 7.28
C ALA A 295 -26.14 -1.11 8.73
N ILE A 296 -26.74 -2.26 9.06
CA ILE A 296 -27.27 -2.46 10.40
C ILE A 296 -26.20 -2.95 11.35
N ASP A 297 -25.41 -3.93 10.91
CA ASP A 297 -24.46 -4.56 11.80
C ASP A 297 -23.35 -5.17 10.96
N LEU A 298 -22.36 -5.72 11.65
CA LEU A 298 -21.27 -6.47 11.05
C LEU A 298 -21.15 -7.73 11.91
N ASP A 299 -21.51 -8.87 11.36
CA ASP A 299 -21.63 -10.06 12.18
C ASP A 299 -20.23 -10.59 12.50
N TYR A 300 -20.18 -11.76 13.17
CA TYR A 300 -18.92 -12.32 13.64
C TYR A 300 -18.08 -12.91 12.52
N ASP A 301 -18.64 -13.11 11.35
CA ASP A 301 -17.88 -13.62 10.21
C ASP A 301 -17.37 -12.50 9.32
N GLY A 302 -17.64 -11.24 9.65
CA GLY A 302 -17.31 -10.15 8.78
C GLY A 302 -18.34 -9.82 7.73
N TYR A 303 -19.52 -10.44 7.78
CA TYR A 303 -20.58 -10.15 6.82
C TYR A 303 -21.32 -8.88 7.22
N LEU A 304 -21.58 -8.02 6.23
CA LEU A 304 -22.38 -6.82 6.46
C LEU A 304 -23.86 -7.20 6.48
N ILE A 305 -24.57 -6.78 7.53
CA ILE A 305 -26.00 -6.97 7.64
C ILE A 305 -26.69 -5.69 7.15
N VAL A 306 -27.52 -5.81 6.13
CA VAL A 306 -28.10 -4.64 5.48
C VAL A 306 -29.62 -4.73 5.51
N ARG A 307 -30.24 -3.58 5.76
CA ARG A 307 -31.66 -3.38 5.61
C ARG A 307 -31.87 -2.59 4.32
N ASP A 308 -32.44 -3.23 3.29
CA ASP A 308 -32.67 -2.50 2.05
C ASP A 308 -33.95 -1.67 2.17
N GLU A 309 -34.15 -0.81 1.16
CA GLU A 309 -35.26 0.14 1.14
C GLU A 309 -36.63 -0.52 1.11
N ALA A 310 -36.70 -1.79 0.71
CA ALA A 310 -37.95 -2.54 0.80
C ALA A 310 -38.11 -3.19 2.16
N GLY A 311 -37.18 -2.97 3.08
CA GLY A 311 -37.28 -3.54 4.40
C GLY A 311 -36.72 -4.94 4.59
N GLU A 312 -36.14 -5.54 3.55
CA GLU A 312 -35.57 -6.86 3.67
C GLU A 312 -34.14 -6.82 4.21
N SER A 313 -33.78 -7.84 4.98
CA SER A 313 -32.44 -7.97 5.53
C SER A 313 -31.55 -8.77 4.58
N HIS A 314 -30.25 -8.46 4.62
CA HIS A 314 -29.27 -9.12 3.78
C HIS A 314 -27.98 -9.34 4.57
N ARG A 315 -27.31 -10.44 4.25
CA ARG A 315 -26.05 -10.84 4.88
C ARG A 315 -25.01 -10.98 3.76
N LEU A 316 -24.17 -9.97 3.62
CA LEU A 316 -23.32 -9.82 2.45
C LEU A 316 -21.86 -10.11 2.79
N ILE A 317 -21.29 -11.15 2.15
CA ILE A 317 -19.85 -11.36 2.28
C ILE A 317 -19.11 -10.20 1.65
N SER A 318 -19.72 -9.57 0.65
CA SER A 318 -19.12 -8.44 -0.05
C SER A 318 -20.25 -7.69 -0.78
N ALA A 319 -19.92 -6.49 -1.27
CA ALA A 319 -20.82 -5.68 -2.07
C ALA A 319 -20.01 -4.51 -2.63
N ASP A 320 -20.58 -3.81 -3.62
CA ASP A 320 -20.00 -2.51 -3.97
C ASP A 320 -21.04 -1.44 -3.72
N ILE A 321 -20.70 -0.54 -2.80
CA ILE A 321 -21.60 0.43 -2.25
C ILE A 321 -21.01 1.82 -2.46
N ASP A 322 -21.88 2.77 -2.76
CA ASP A 322 -21.53 4.18 -2.83
C ASP A 322 -22.25 4.95 -1.73
N PHE A 323 -21.68 6.09 -1.38
CA PHE A 323 -22.28 7.01 -0.43
C PHE A 323 -23.34 7.87 -1.13
#